data_3LGR
#
_entry.id   3LGR
#
_cell.length_a   110.890
_cell.length_b   38.370
_cell.length_c   47.590
_cell.angle_alpha   90.00
_cell.angle_beta   99.83
_cell.angle_gamma   90.00
#
_symmetry.space_group_name_H-M   'C 1 2 1'
#
loop_
_entity.id
_entity.type
_entity.pdbx_description
1 polymer 'Endo-1,4-beta-xylanase 2'
2 non-polymer 'EUROPIUM ION'
3 non-polymer 'PYRIDINE-2,6-DICARBOXYLIC ACID'
4 water water
#
_entity_poly.entity_id   1
_entity_poly.type   'polypeptide(L)'
_entity_poly.pdbx_seq_one_letter_code
;(PCA)TIQPGTGYNNGYFYSYWNDGHGGVTYTNGPGGQFSVNWSNSGNFVGGKGWQPGTKNKVINFSGSYNPNGNSYLSV
YGWSRNPLIEYYIVENFGTYNPSTGATKLGEVTSDGSVYDIYRTQRVNQPSIIGTATFYQYWSVRRNHRSSGSVNTANHF
NAWAQQGLTLGTMDYQIVAVEGYFSSGSASITVS
;
_entity_poly.pdbx_strand_id   A
#
# COMPACT_ATOMS: atom_id res chain seq x y z
N THR A 2 17.58 -6.98 9.11
CA THR A 2 17.61 -5.48 8.81
C THR A 2 18.30 -5.24 7.48
N ILE A 3 17.57 -4.67 6.53
CA ILE A 3 18.14 -4.52 5.18
C ILE A 3 18.11 -3.10 4.73
N GLN A 4 19.02 -2.79 3.81
CA GLN A 4 18.95 -1.50 3.15
C GLN A 4 17.92 -1.57 2.01
N PRO A 5 17.52 -0.43 1.50
CA PRO A 5 16.52 -0.47 0.41
C PRO A 5 16.84 -1.38 -0.75
N GLY A 6 15.78 -2.00 -1.26
CA GLY A 6 15.92 -2.89 -2.43
C GLY A 6 14.63 -3.69 -2.55
N THR A 7 14.66 -4.63 -3.53
CA THR A 7 13.53 -5.53 -3.74
C THR A 7 14.09 -6.92 -3.84
N GLY A 8 13.26 -7.93 -3.61
CA GLY A 8 13.71 -9.31 -3.80
C GLY A 8 12.65 -10.21 -3.21
N TYR A 9 13.09 -11.42 -2.86
CA TYR A 9 12.18 -12.41 -2.26
C TYR A 9 12.75 -12.84 -0.92
N ASN A 10 11.87 -13.13 0.00
CA ASN A 10 12.20 -13.55 1.34
C ASN A 10 11.11 -14.49 1.82
N ASN A 11 11.55 -15.75 2.08
CA ASN A 11 10.62 -16.77 2.65
C ASN A 11 9.36 -16.97 1.83
N GLY A 12 9.50 -16.88 0.49
CA GLY A 12 8.35 -17.17 -0.34
C GLY A 12 7.54 -15.96 -0.79
N TYR A 13 7.91 -14.76 -0.30
CA TYR A 13 7.18 -13.53 -0.56
C TYR A 13 8.11 -12.48 -1.20
N PHE A 14 7.56 -11.79 -2.17
CA PHE A 14 8.23 -10.61 -2.69
C PHE A 14 8.28 -9.56 -1.60
N TYR A 15 9.36 -8.81 -1.59
CA TYR A 15 9.38 -7.61 -0.74
C TYR A 15 9.90 -6.42 -1.55
N SER A 16 9.50 -5.23 -1.09
CA SER A 16 10.08 -3.98 -1.61
C SER A 16 10.27 -3.04 -0.40
N TYR A 17 11.45 -2.39 -0.31
CA TYR A 17 11.68 -1.37 0.71
C TYR A 17 12.34 -0.23 -0.04
N TRP A 18 11.72 0.94 -0.06
CA TRP A 18 12.29 2.13 -0.73
C TRP A 18 12.29 3.25 0.34
N ASN A 19 13.37 4.05 0.33
CA ASN A 19 13.56 5.13 1.31
C ASN A 19 14.15 6.28 0.48
N ASP A 20 13.60 7.48 0.74
CA ASP A 20 14.00 8.66 0.00
C ASP A 20 15.36 9.27 0.34
N GLY A 21 16.09 8.73 1.33
CA GLY A 21 17.43 9.24 1.62
C GLY A 21 17.54 9.95 2.98
N HIS A 22 16.42 10.13 3.62
CA HIS A 22 16.36 10.84 4.94
C HIS A 22 16.75 9.99 6.14
N GLY A 23 16.96 8.69 5.98
CA GLY A 23 17.32 7.83 7.08
C GLY A 23 16.18 7.69 8.07
N GLY A 24 16.53 7.19 9.24
CA GLY A 24 15.54 7.04 10.29
C GLY A 24 14.52 5.94 10.17
N VAL A 25 14.76 4.96 9.29
CA VAL A 25 13.81 3.84 9.02
C VAL A 25 14.56 2.53 9.17
N THR A 26 14.06 1.64 10.01
CA THR A 26 14.66 0.32 10.18
C THR A 26 13.61 -0.66 9.67
N TYR A 27 13.83 -1.20 8.46
CA TYR A 27 13.03 -2.24 7.83
C TYR A 27 13.69 -3.60 7.99
N THR A 28 12.91 -4.57 8.48
CA THR A 28 13.40 -5.89 8.73
C THR A 28 12.49 -6.92 8.16
N ASN A 29 13.00 -7.84 7.34
CA ASN A 29 12.24 -8.99 6.92
C ASN A 29 12.26 -10.07 8.02
N GLY A 30 11.12 -10.65 8.28
CA GLY A 30 10.96 -11.73 9.18
C GLY A 30 10.61 -13.04 8.61
N PRO A 31 10.25 -14.00 9.44
CA PRO A 31 9.88 -15.32 8.94
C PRO A 31 8.60 -15.25 8.16
N GLY A 32 8.40 -16.18 7.23
CA GLY A 32 7.16 -16.27 6.49
C GLY A 32 6.87 -14.96 5.77
N GLY A 33 5.63 -14.51 5.91
CA GLY A 33 5.19 -13.25 5.30
C GLY A 33 5.35 -11.99 6.21
N GLN A 34 6.17 -12.12 7.23
CA GLN A 34 6.38 -11.02 8.20
C GLN A 34 7.45 -10.02 7.88
N PHE A 35 7.12 -8.75 8.12
CA PHE A 35 8.09 -7.72 8.07
C PHE A 35 7.82 -6.74 9.20
N SER A 36 8.83 -6.04 9.62
CA SER A 36 8.64 -4.91 10.58
CA SER A 36 8.73 -4.97 10.65
C SER A 36 9.27 -3.65 10.14
N VAL A 37 8.73 -2.53 10.62
CA VAL A 37 9.31 -1.25 10.31
C VAL A 37 9.26 -0.40 11.60
N ASN A 38 10.40 0.18 11.95
CA ASN A 38 10.44 1.16 13.09
C ASN A 38 11.09 2.37 12.52
N TRP A 39 10.44 3.56 12.67
CA TRP A 39 10.96 4.76 12.10
C TRP A 39 10.85 5.96 13.04
N SER A 40 11.83 6.83 12.86
CA SER A 40 11.93 8.04 13.69
C SER A 40 12.41 9.18 12.84
N ASN A 41 11.61 10.22 12.75
CA ASN A 41 11.91 11.43 11.97
C ASN A 41 12.36 11.05 10.58
N SER A 42 11.56 10.24 9.95
CA SER A 42 11.81 9.79 8.54
C SER A 42 11.63 10.86 7.49
N GLY A 43 11.93 10.49 6.25
CA GLY A 43 11.35 11.14 5.11
C GLY A 43 10.19 10.32 4.60
N ASN A 44 10.06 10.17 3.28
CA ASN A 44 9.12 9.27 2.71
C ASN A 44 9.83 7.89 2.41
N PHE A 45 9.12 6.86 2.86
CA PHE A 45 9.53 5.49 2.60
C PHE A 45 8.30 4.63 2.37
N VAL A 46 8.51 3.44 1.76
CA VAL A 46 7.49 2.44 1.58
C VAL A 46 8.12 1.08 1.73
N GLY A 47 7.55 0.23 2.61
CA GLY A 47 8.06 -1.13 2.71
C GLY A 47 7.02 -2.16 2.99
N GLY A 48 7.16 -3.32 2.35
CA GLY A 48 6.34 -4.48 2.76
C GLY A 48 6.51 -5.70 1.88
N LYS A 49 5.58 -6.67 2.10
CA LYS A 49 5.74 -8.01 1.47
C LYS A 49 4.45 -8.43 0.75
N GLY A 50 4.62 -9.31 -0.25
CA GLY A 50 3.52 -9.85 -1.00
C GLY A 50 3.95 -10.68 -2.17
N TRP A 51 3.54 -10.25 -3.34
CA TRP A 51 3.66 -11.04 -4.54
C TRP A 51 4.20 -10.21 -5.72
N GLN A 52 4.91 -10.90 -6.62
CA GLN A 52 5.35 -10.32 -7.89
C GLN A 52 5.11 -11.37 -8.99
N PRO A 53 4.12 -11.15 -9.84
CA PRO A 53 3.11 -10.11 -9.86
C PRO A 53 1.92 -10.42 -8.96
N GLY A 54 1.08 -9.42 -8.67
CA GLY A 54 -0.23 -9.65 -8.04
C GLY A 54 -1.25 -10.14 -9.06
N THR A 55 -2.49 -10.24 -8.57
CA THR A 55 -3.61 -10.67 -9.42
C THR A 55 -4.76 -9.78 -9.17
N LYS A 56 -5.77 -9.91 -10.04
CA LYS A 56 -6.93 -9.10 -9.95
C LYS A 56 -8.07 -9.72 -9.06
N ASN A 57 -7.76 -10.85 -8.40
CA ASN A 57 -8.76 -11.45 -7.49
C ASN A 57 -8.09 -12.06 -6.29
N LYS A 58 -6.92 -11.55 -5.92
CA LYS A 58 -6.32 -12.09 -4.68
C LYS A 58 -7.05 -11.64 -3.48
N VAL A 59 -7.16 -12.54 -2.50
CA VAL A 59 -7.68 -12.26 -1.18
C VAL A 59 -6.45 -12.22 -0.26
N ILE A 60 -6.17 -11.02 0.29
CA ILE A 60 -4.93 -10.78 1.01
C ILE A 60 -5.22 -10.67 2.47
N ASN A 61 -4.52 -11.46 3.28
CA ASN A 61 -4.63 -11.36 4.70
C ASN A 61 -3.46 -10.66 5.33
N PHE A 62 -3.75 -9.91 6.38
CA PHE A 62 -2.72 -9.22 7.15
C PHE A 62 -3.04 -9.25 8.59
N SER A 63 -1.99 -9.22 9.39
CA SER A 63 -2.20 -9.16 10.85
C SER A 63 -0.99 -8.62 11.49
N GLY A 64 -1.17 -8.14 12.69
CA GLY A 64 -0.07 -7.63 13.48
C GLY A 64 -0.41 -6.32 14.10
N SER A 65 0.58 -5.48 14.18
CA SER A 65 0.48 -4.21 14.89
C SER A 65 0.96 -3.07 13.96
N TYR A 66 0.26 -1.95 14.08
CA TYR A 66 0.51 -0.77 13.27
C TYR A 66 0.26 0.46 14.15
N ASN A 67 1.35 1.14 14.50
CA ASN A 67 1.37 2.29 15.44
C ASN A 67 2.15 3.51 14.92
N PRO A 68 1.56 4.18 13.94
CA PRO A 68 2.15 5.35 13.35
C PRO A 68 2.02 6.49 14.33
N ASN A 69 2.97 7.38 14.26
CA ASN A 69 2.91 8.68 14.96
C ASN A 69 3.13 9.80 13.94
N GLY A 70 2.07 10.08 13.19
CA GLY A 70 2.03 11.07 12.15
C GLY A 70 1.55 10.45 10.86
N ASN A 71 2.06 11.03 9.78
CA ASN A 71 1.64 10.72 8.43
C ASN A 71 2.19 9.38 8.03
N SER A 72 1.29 8.44 7.91
CA SER A 72 1.63 7.04 7.55
C SER A 72 0.42 6.32 7.02
N TYR A 73 0.62 5.32 6.11
CA TYR A 73 -0.47 4.47 5.64
C TYR A 73 -0.11 2.99 5.86
N LEU A 74 -1.15 2.18 6.01
CA LEU A 74 -1.11 0.73 5.95
C LEU A 74 -2.10 0.32 4.85
N SER A 75 -1.54 -0.32 3.78
CA SER A 75 -2.35 -0.51 2.59
C SER A 75 -2.02 -1.81 1.85
N VAL A 76 -2.99 -2.34 1.11
CA VAL A 76 -2.62 -3.18 -0.07
C VAL A 76 -2.22 -2.17 -1.14
N TYR A 77 -1.06 -2.41 -1.75
CA TYR A 77 -0.35 -1.41 -2.48
C TYR A 77 0.32 -2.08 -3.67
N GLY A 78 0.16 -1.52 -4.89
CA GLY A 78 0.74 -2.17 -6.06
C GLY A 78 0.65 -1.34 -7.31
N TRP A 79 0.96 -1.99 -8.42
CA TRP A 79 1.03 -1.28 -9.69
C TRP A 79 0.46 -2.17 -10.78
N SER A 80 0.08 -1.50 -11.89
CA SER A 80 -0.09 -2.13 -13.20
C SER A 80 0.74 -1.39 -14.23
N ARG A 81 0.88 -1.99 -15.44
CA ARG A 81 1.48 -1.38 -16.66
C ARG A 81 0.45 -1.43 -17.78
N ASN A 82 0.45 -0.42 -18.63
CA ASN A 82 -0.38 -0.39 -19.85
C ASN A 82 -1.85 -0.62 -19.49
N PRO A 83 -2.44 0.31 -18.72
CA PRO A 83 -1.88 1.55 -18.24
C PRO A 83 -1.06 1.42 -16.95
N LEU A 84 -0.21 2.42 -16.75
CA LEU A 84 0.66 2.55 -15.59
C LEU A 84 -0.14 3.19 -14.45
N ILE A 85 -0.40 2.45 -13.36
CA ILE A 85 -1.24 2.92 -12.29
C ILE A 85 -0.56 2.45 -11.02
N GLU A 86 -0.55 3.32 -10.03
CA GLU A 86 -0.12 2.96 -8.63
C GLU A 86 -1.42 2.94 -7.82
N TYR A 87 -1.76 1.90 -7.04
CA TYR A 87 -3.06 1.80 -6.38
C TYR A 87 -2.89 1.47 -4.90
N TYR A 88 -3.90 1.83 -4.13
CA TYR A 88 -3.85 1.65 -2.69
C TYR A 88 -5.23 1.21 -2.25
N ILE A 89 -5.34 0.23 -1.40
CA ILE A 89 -6.52 -0.10 -0.65
C ILE A 89 -6.01 0.13 0.79
N VAL A 90 -6.35 1.28 1.33
CA VAL A 90 -5.77 1.82 2.60
C VAL A 90 -6.63 1.27 3.74
N GLU A 91 -6.03 0.42 4.55
CA GLU A 91 -6.73 -0.23 5.71
C GLU A 91 -6.66 0.57 7.01
N ASN A 92 -5.60 1.35 7.18
CA ASN A 92 -5.39 2.18 8.35
C ASN A 92 -4.48 3.33 7.89
N PHE A 93 -4.45 4.43 8.63
CA PHE A 93 -3.56 5.54 8.39
C PHE A 93 -3.44 6.35 9.67
N GLY A 94 -2.41 7.18 9.70
CA GLY A 94 -2.10 8.09 10.77
C GLY A 94 -2.89 9.38 10.70
N THR A 95 -2.19 10.46 10.74
CA THR A 95 -2.82 11.81 10.84
C THR A 95 -3.22 12.44 9.54
N TYR A 96 -2.84 11.84 8.40
CA TYR A 96 -3.15 12.45 7.09
C TYR A 96 -3.96 11.49 6.23
N ASN A 97 -5.20 11.86 5.96
CA ASN A 97 -6.00 11.05 5.06
C ASN A 97 -5.41 11.25 3.66
N PRO A 98 -5.00 10.15 3.00
CA PRO A 98 -4.30 10.34 1.70
C PRO A 98 -5.21 10.96 0.65
N SER A 99 -6.54 10.92 0.84
CA SER A 99 -7.45 11.54 -0.08
C SER A 99 -7.73 13.06 0.14
N THR A 100 -7.00 13.67 1.06
CA THR A 100 -7.15 15.11 1.34
C THR A 100 -6.90 15.91 0.12
N GLY A 101 -7.92 16.66 -0.24
CA GLY A 101 -7.89 17.46 -1.44
C GLY A 101 -8.30 16.79 -2.73
N ALA A 102 -8.35 15.45 -2.73
CA ALA A 102 -8.73 14.63 -3.91
C ALA A 102 -10.23 14.70 -4.10
N THR A 103 -10.63 14.48 -5.34
CA THR A 103 -12.08 14.42 -5.65
C THR A 103 -12.61 12.95 -5.57
N LYS A 104 -13.63 12.81 -4.76
CA LYS A 104 -14.28 11.55 -4.51
C LYS A 104 -15.05 11.18 -5.79
N LEU A 105 -14.99 9.90 -6.10
CA LEU A 105 -15.76 9.34 -7.21
C LEU A 105 -16.83 8.39 -6.76
N GLY A 106 -16.66 7.81 -5.58
CA GLY A 106 -17.62 6.84 -5.12
C GLY A 106 -17.21 6.07 -3.89
N GLU A 107 -18.04 5.02 -3.62
CA GLU A 107 -17.89 4.17 -2.41
C GLU A 107 -17.99 2.70 -2.78
N VAL A 108 -17.28 1.85 -2.02
CA VAL A 108 -17.40 0.38 -2.15
C VAL A 108 -17.41 -0.18 -0.73
N THR A 109 -18.27 -1.21 -0.53
CA THR A 109 -18.35 -2.00 0.72
C THR A 109 -17.60 -3.31 0.53
N SER A 110 -16.66 -3.53 1.46
CA SER A 110 -15.92 -4.79 1.43
C SER A 110 -15.34 -5.12 2.77
N ASP A 111 -15.35 -6.41 3.10
CA ASP A 111 -14.66 -6.90 4.33
C ASP A 111 -15.00 -6.10 5.52
N GLY A 112 -16.29 -5.74 5.65
CA GLY A 112 -16.78 -5.12 6.87
C GLY A 112 -16.78 -3.58 7.02
N SER A 113 -16.33 -2.83 5.97
CA SER A 113 -16.41 -1.40 6.00
C SER A 113 -16.78 -0.86 4.64
N VAL A 114 -17.31 0.36 4.65
CA VAL A 114 -17.36 1.22 3.48
C VAL A 114 -15.95 1.81 3.28
N TYR A 115 -15.62 1.92 2.00
CA TYR A 115 -14.41 2.61 1.52
C TYR A 115 -14.86 3.77 0.62
N ASP A 116 -14.07 4.83 0.63
CA ASP A 116 -14.29 5.94 -0.29
C ASP A 116 -13.23 5.81 -1.40
N ILE A 117 -13.65 6.07 -2.65
CA ILE A 117 -12.80 5.90 -3.83
C ILE A 117 -12.37 7.22 -4.40
N TYR A 118 -11.08 7.36 -4.77
CA TYR A 118 -10.55 8.57 -5.33
C TYR A 118 -9.53 8.30 -6.41
N ARG A 119 -9.35 9.26 -7.30
CA ARG A 119 -8.28 9.24 -8.28
C ARG A 119 -7.41 10.47 -8.10
N THR A 120 -6.08 10.27 -8.03
CA THR A 120 -5.15 11.36 -8.05
C THR A 120 -4.16 11.18 -9.20
N GLN A 121 -3.32 12.20 -9.44
CA GLN A 121 -2.34 12.17 -10.55
C GLN A 121 -0.95 12.52 -10.02
N ARG A 122 0.04 11.71 -10.37
CA ARG A 122 1.47 12.00 -10.11
C ARG A 122 2.08 12.47 -11.46
N VAL A 123 2.74 13.61 -11.41
CA VAL A 123 3.35 14.23 -12.62
C VAL A 123 4.87 14.20 -12.54
N ASN A 124 5.49 13.52 -13.51
CA ASN A 124 6.98 13.42 -13.59
C ASN A 124 7.57 12.89 -12.28
N GLN A 125 7.02 11.77 -11.80
CA GLN A 125 7.41 11.23 -10.53
C GLN A 125 8.07 9.86 -10.72
N PRO A 126 8.78 9.39 -9.70
CA PRO A 126 9.38 8.04 -9.78
C PRO A 126 8.30 7.00 -9.92
N SER A 127 8.61 5.91 -10.63
CA SER A 127 7.62 4.84 -10.82
C SER A 127 8.39 3.53 -11.13
N ILE A 128 7.64 2.42 -11.18
CA ILE A 128 8.17 1.14 -11.59
C ILE A 128 8.84 1.15 -12.97
N ILE A 129 8.51 2.14 -13.82
CA ILE A 129 9.16 2.26 -15.10
C ILE A 129 10.01 3.52 -15.24
N GLY A 130 10.36 4.16 -14.11
CA GLY A 130 11.19 5.35 -14.21
C GLY A 130 10.30 6.60 -14.17
N THR A 131 10.93 7.77 -14.32
CA THR A 131 10.15 9.01 -14.24
C THR A 131 8.96 8.97 -15.17
N ALA A 132 7.81 9.29 -14.64
CA ALA A 132 6.52 9.18 -15.31
C ALA A 132 5.40 10.01 -14.80
N THR A 133 4.39 10.26 -15.63
CA THR A 133 3.06 10.83 -15.22
C THR A 133 2.06 9.65 -15.24
N PHE A 134 1.36 9.44 -14.14
CA PHE A 134 0.42 8.37 -13.98
C PHE A 134 -0.65 8.69 -12.93
N TYR A 135 -1.80 8.02 -13.04
CA TYR A 135 -2.82 8.09 -12.03
C TYR A 135 -2.54 7.13 -10.86
N GLN A 136 -3.06 7.55 -9.72
CA GLN A 136 -3.22 6.71 -8.54
C GLN A 136 -4.64 6.45 -8.23
N TYR A 137 -4.96 5.21 -7.86
CA TYR A 137 -6.34 4.85 -7.45
C TYR A 137 -6.30 4.54 -5.98
N TRP A 138 -7.33 5.02 -5.28
CA TRP A 138 -7.47 4.87 -3.82
C TRP A 138 -8.80 4.27 -3.45
N SER A 139 -8.80 3.36 -2.52
CA SER A 139 -9.94 3.00 -1.74
C SER A 139 -9.50 3.24 -0.30
N VAL A 140 -10.17 4.11 0.43
CA VAL A 140 -9.81 4.45 1.80
C VAL A 140 -10.84 3.87 2.77
N ARG A 141 -10.41 2.94 3.62
CA ARG A 141 -11.34 2.27 4.54
C ARG A 141 -11.76 3.24 5.66
N ARG A 142 -13.09 3.33 5.88
CA ARG A 142 -13.58 4.14 7.00
C ARG A 142 -13.27 3.55 8.39
N ASN A 143 -13.49 2.26 8.53
CA ASN A 143 -13.28 1.54 9.79
C ASN A 143 -11.81 1.07 9.88
N HIS A 144 -10.96 1.90 10.42
CA HIS A 144 -9.47 1.65 10.42
C HIS A 144 -9.20 0.35 11.16
N ARG A 145 -8.32 -0.48 10.58
CA ARG A 145 -7.89 -1.72 11.24
C ARG A 145 -6.51 -2.11 10.90
N SER A 146 -5.93 -2.93 11.75
CA SER A 146 -4.51 -3.39 11.50
C SER A 146 -4.35 -4.91 11.27
N SER A 147 -5.49 -5.61 11.25
CA SER A 147 -5.54 -6.99 10.85
CA SER A 147 -5.57 -6.99 10.84
C SER A 147 -6.85 -7.23 10.11
N GLY A 148 -6.82 -8.18 9.20
CA GLY A 148 -8.03 -8.51 8.42
C GLY A 148 -7.72 -9.14 7.07
N SER A 149 -8.78 -9.26 6.23
CA SER A 149 -8.61 -9.85 4.91
CA SER A 149 -8.69 -9.88 4.95
C SER A 149 -9.25 -8.88 3.93
N VAL A 150 -8.57 -8.71 2.80
CA VAL A 150 -8.95 -7.84 1.71
C VAL A 150 -9.26 -8.58 0.45
N ASN A 151 -10.51 -8.49 -0.01
CA ASN A 151 -10.95 -9.06 -1.28
C ASN A 151 -10.69 -8.03 -2.36
N THR A 152 -9.51 -8.08 -2.94
CA THR A 152 -9.07 -7.08 -3.85
C THR A 152 -10.02 -6.90 -5.05
N ALA A 153 -10.65 -7.99 -5.48
CA ALA A 153 -11.56 -7.88 -6.63
C ALA A 153 -12.67 -6.90 -6.38
N ASN A 154 -13.20 -6.83 -5.14
CA ASN A 154 -14.27 -5.89 -4.83
C ASN A 154 -13.91 -4.43 -5.15
N HIS A 155 -12.65 -4.09 -4.84
CA HIS A 155 -12.08 -2.77 -5.11
C HIS A 155 -11.82 -2.59 -6.59
N PHE A 156 -11.16 -3.54 -7.25
CA PHE A 156 -10.83 -3.43 -8.69
C PHE A 156 -12.17 -3.30 -9.50
N ASN A 157 -13.18 -4.06 -9.08
CA ASN A 157 -14.51 -3.98 -9.76
CA ASN A 157 -14.54 -3.96 -9.74
C ASN A 157 -15.16 -2.60 -9.56
N ALA A 158 -15.17 -2.06 -8.35
CA ALA A 158 -15.74 -0.75 -8.10
C ALA A 158 -15.00 0.35 -8.83
N TRP A 159 -13.68 0.24 -8.83
CA TRP A 159 -12.86 1.21 -9.54
C TRP A 159 -13.23 1.19 -11.04
N ALA A 160 -13.40 0.02 -11.58
CA ALA A 160 -13.71 -0.09 -13.04
C ALA A 160 -15.06 0.59 -13.34
N GLN A 161 -16.02 0.43 -12.45
CA GLN A 161 -17.35 1.13 -12.51
C GLN A 161 -17.28 2.65 -12.41
N GLN A 162 -16.12 3.18 -12.06
CA GLN A 162 -15.83 4.57 -12.05
C GLN A 162 -14.88 4.96 -13.21
N GLY A 163 -14.65 4.02 -14.13
CA GLY A 163 -13.76 4.26 -15.28
C GLY A 163 -12.28 4.15 -14.96
N LEU A 164 -11.97 3.58 -13.80
CA LEU A 164 -10.61 3.44 -13.33
C LEU A 164 -10.12 2.03 -13.63
N THR A 165 -9.41 1.85 -14.73
CA THR A 165 -9.04 0.55 -15.20
C THR A 165 -7.61 0.23 -14.87
N LEU A 166 -7.30 -1.04 -14.76
CA LEU A 166 -6.02 -1.50 -14.45
C LEU A 166 -5.42 -2.25 -15.66
N GLY A 167 -4.12 -2.13 -15.81
CA GLY A 167 -3.38 -2.89 -16.82
C GLY A 167 -2.95 -4.28 -16.43
N THR A 168 -1.75 -4.63 -16.88
CA THR A 168 -1.15 -5.91 -16.55
C THR A 168 -0.50 -5.69 -15.16
N MET A 169 -0.81 -6.54 -14.23
CA MET A 169 -0.31 -6.32 -12.88
C MET A 169 1.20 -6.43 -12.79
N ASP A 170 1.71 -5.56 -11.93
CA ASP A 170 3.09 -5.67 -11.42
C ASP A 170 2.99 -6.13 -9.95
N TYR A 171 3.83 -5.64 -9.03
CA TYR A 171 3.81 -6.22 -7.74
C TYR A 171 2.56 -5.78 -6.93
N GLN A 172 2.34 -6.49 -5.83
CA GLN A 172 1.13 -6.36 -5.01
C GLN A 172 1.57 -6.79 -3.62
N ILE A 173 1.66 -5.82 -2.73
CA ILE A 173 2.15 -6.04 -1.39
C ILE A 173 1.21 -5.45 -0.35
N VAL A 174 1.43 -5.83 0.93
CA VAL A 174 0.89 -5.03 2.04
C VAL A 174 2.09 -4.17 2.52
N ALA A 175 1.88 -2.87 2.43
CA ALA A 175 2.92 -1.85 2.65
C ALA A 175 2.58 -0.90 3.77
N VAL A 176 3.62 -0.63 4.55
CA VAL A 176 3.66 0.47 5.47
C VAL A 176 4.42 1.56 4.67
N GLU A 177 3.78 2.73 4.63
CA GLU A 177 4.34 3.92 4.05
C GLU A 177 4.40 5.02 5.14
N GLY A 178 5.47 5.81 5.19
CA GLY A 178 5.55 6.92 6.10
C GLY A 178 5.91 8.15 5.28
N TYR A 179 5.55 9.32 5.81
CA TYR A 179 5.92 10.58 5.13
C TYR A 179 6.24 11.54 6.27
N PHE A 180 7.52 11.62 6.57
CA PHE A 180 8.05 12.63 7.50
C PHE A 180 7.41 12.50 8.88
N SER A 181 7.58 11.32 9.45
CA SER A 181 6.90 10.91 10.69
C SER A 181 7.71 9.92 11.47
N SER A 182 7.09 9.32 12.51
CA SER A 182 7.69 8.30 13.33
C SER A 182 6.63 7.21 13.49
N GLY A 183 7.05 6.01 13.84
CA GLY A 183 6.14 4.94 14.13
C GLY A 183 6.78 3.61 14.24
N SER A 184 5.93 2.61 14.50
CA SER A 184 6.32 1.22 14.47
C SER A 184 5.19 0.39 13.85
N ALA A 185 5.60 -0.72 13.24
CA ALA A 185 4.69 -1.69 12.70
C ALA A 185 5.33 -3.06 12.62
N SER A 186 4.50 -4.07 12.78
CA SER A 186 4.99 -5.47 12.60
C SER A 186 3.80 -6.23 11.97
N ILE A 187 3.97 -6.63 10.72
CA ILE A 187 2.85 -7.09 9.89
C ILE A 187 3.18 -8.39 9.23
N THR A 188 2.24 -9.33 9.32
CA THR A 188 2.40 -10.62 8.68
C THR A 188 1.38 -10.76 7.57
N VAL A 189 1.89 -11.02 6.37
CA VAL A 189 1.08 -11.12 5.19
C VAL A 189 0.86 -12.59 4.86
N SER A 190 -0.30 -12.90 4.31
CA SER A 190 -0.57 -14.17 3.70
C SER A 190 -1.69 -14.15 2.66
#